data_4U9S
#
_entry.id   4U9S
#
_cell.length_a   46.690
_cell.length_b   41.730
_cell.length_c   61.410
_cell.angle_alpha   90.000
_cell.angle_beta   103.730
_cell.angle_gamma   90.000
#
_symmetry.space_group_name_H-M   'P 1 21 1'
#
loop_
_entity.id
_entity.type
_entity.pdbx_description
1 polymer 'Na(+)-translocating NADH-quinone reductase subunit C'
2 non-polymer 'FLAVIN MONONUCLEOTIDE'
3 non-polymer GLYCEROL
4 non-polymer 'BROMIDE ION'
5 water water
#
_entity_poly.entity_id   1
_entity_poly.type   'polypeptide(L)'
_entity_poly.pdbx_seq_one_letter_code
;PGHLRDKQSKILQVAGIEAKGSKQIVELFNKSIEPRLVDFNTGDFVEGDAANYDQRKAAKEASESIKLTAEQDKAKIQRR
ANVGVVYLVKDGDKTSKVILPVHGNGLWSMMYAFVAVETDGNTVSGLTYYEQGETPGLGGEVENPAWRAQWVGKKLFDEN
HKPAIKIVKGGAPQGSEHGVDGLSGATLTSNGVQNTFDFWLGDMGFGPFLTKVRDGGLN
;
_entity_poly.pdbx_strand_id   C
#
# COMPACT_ATOMS: atom_id res chain seq x y z
N PRO A 1 -9.47 -13.35 19.20
CA PRO A 1 -8.81 -13.51 17.90
C PRO A 1 -8.89 -12.28 17.01
N GLY A 2 -8.72 -11.10 17.59
CA GLY A 2 -8.61 -9.89 16.81
C GLY A 2 -7.18 -9.65 16.36
N HIS A 3 -6.87 -10.03 15.12
CA HIS A 3 -5.60 -9.73 14.50
C HIS A 3 -5.61 -8.38 13.78
N LEU A 4 -6.59 -7.54 14.09
CA LEU A 4 -6.48 -6.12 13.81
C LEU A 4 -5.34 -5.49 14.61
N ARG A 5 -4.86 -6.18 15.64
CA ARG A 5 -3.71 -5.71 16.43
C ARG A 5 -2.41 -5.82 15.64
N ASP A 6 -2.23 -6.93 14.92
CA ASP A 6 -1.09 -7.05 14.03
C ASP A 6 -1.16 -5.99 12.93
N LYS A 7 -2.36 -5.75 12.39
CA LYS A 7 -2.52 -4.72 11.36
C LYS A 7 -2.15 -3.33 11.89
N GLN A 8 -2.61 -2.98 13.09
CA GLN A 8 -2.19 -1.72 13.70
C GLN A 8 -0.69 -1.67 13.93
N SER A 9 -0.12 -2.77 14.39
CA SER A 9 1.33 -2.81 14.61
C SER A 9 2.09 -2.58 13.32
N LYS A 10 1.63 -3.19 12.23
CA LYS A 10 2.28 -3.01 10.93
C LYS A 10 2.15 -1.59 10.41
N ILE A 11 1.00 -0.94 10.65
CA ILE A 11 0.83 0.44 10.22
C ILE A 11 1.80 1.35 10.99
N LEU A 12 1.94 1.12 12.28
CA LEU A 12 2.88 1.90 13.07
C LEU A 12 4.30 1.67 12.59
N GLN A 13 4.66 0.42 12.32
N GLN A 13 4.67 0.42 12.36
CA GLN A 13 6.03 0.10 11.89
CA GLN A 13 6.01 0.08 11.88
C GLN A 13 6.39 0.80 10.59
C GLN A 13 6.35 0.84 10.61
N VAL A 14 5.48 0.76 9.60
CA VAL A 14 5.80 1.33 8.31
C VAL A 14 5.78 2.85 8.36
N ALA A 15 5.09 3.42 9.33
CA ALA A 15 5.08 4.86 9.58
C ALA A 15 6.31 5.33 10.34
N GLY A 16 7.14 4.42 10.83
CA GLY A 16 8.32 4.78 11.58
C GLY A 16 8.06 4.99 13.06
N ILE A 17 6.98 4.44 13.59
CA ILE A 17 6.59 4.65 14.99
C ILE A 17 6.87 3.36 15.75
N GLU A 18 7.79 3.43 16.73
CA GLU A 18 8.15 2.28 17.55
C GLU A 18 7.09 2.01 18.61
N ALA A 19 6.54 0.80 18.63
CA ALA A 19 5.54 0.41 19.63
C ALA A 19 5.74 -1.05 19.99
N LYS A 20 5.80 -1.35 21.30
CA LYS A 20 6.04 -2.70 21.79
C LYS A 20 4.91 -3.09 22.74
N GLY A 21 4.24 -4.19 22.44
CA GLY A 21 3.18 -4.67 23.32
C GLY A 21 1.82 -4.15 22.91
N SER A 22 0.80 -4.97 23.17
CA SER A 22 -0.54 -4.67 22.66
C SER A 22 -1.07 -3.34 23.19
N LYS A 23 -0.75 -2.99 24.44
CA LYS A 23 -1.29 -1.76 25.00
C LYS A 23 -0.68 -0.53 24.32
N GLN A 24 0.64 -0.53 24.11
CA GLN A 24 1.29 0.58 23.43
C GLN A 24 0.88 0.67 21.97
N ILE A 25 0.63 -0.47 21.32
CA ILE A 25 0.15 -0.45 19.94
C ILE A 25 -1.10 0.41 19.83
N VAL A 26 -2.10 0.11 20.66
CA VAL A 26 -3.37 0.79 20.55
C VAL A 26 -3.23 2.27 20.90
N GLU A 27 -2.44 2.59 21.92
CA GLU A 27 -2.30 3.97 22.37
C GLU A 27 -1.65 4.84 21.31
N LEU A 28 -0.52 4.37 20.76
CA LEU A 28 0.17 5.16 19.73
C LEU A 28 -0.61 5.18 18.43
N PHE A 29 -1.31 4.10 18.09
CA PHE A 29 -2.15 4.13 16.90
C PHE A 29 -3.23 5.18 17.05
N ASN A 30 -3.92 5.19 18.21
CA ASN A 30 -4.97 6.19 18.42
C ASN A 30 -4.41 7.61 18.43
N LYS A 31 -3.19 7.81 18.94
CA LYS A 31 -2.61 9.15 19.03
C LYS A 31 -2.17 9.68 17.67
N SER A 32 -1.60 8.82 16.82
CA SER A 32 -0.86 9.29 15.65
C SER A 32 -1.40 8.90 14.29
N ILE A 33 -2.39 8.01 14.22
CA ILE A 33 -2.91 7.53 12.95
C ILE A 33 -4.35 7.98 12.84
N GLU A 34 -4.70 8.58 11.70
CA GLU A 34 -6.07 8.96 11.37
C GLU A 34 -6.53 8.20 10.13
N PRO A 35 -7.30 7.11 10.30
CA PRO A 35 -7.90 6.47 9.12
C PRO A 35 -8.87 7.40 8.42
N ARG A 36 -8.83 7.42 7.10
CA ARG A 36 -9.75 8.21 6.28
C ARG A 36 -10.21 7.39 5.09
N LEU A 37 -11.45 7.65 4.63
CA LEU A 37 -12.01 6.99 3.46
C LEU A 37 -11.75 7.82 2.22
N VAL A 38 -11.49 7.15 1.11
CA VAL A 38 -11.10 7.78 -0.14
C VAL A 38 -11.93 7.18 -1.26
N ASP A 39 -12.53 8.03 -2.08
CA ASP A 39 -13.22 7.59 -3.29
C ASP A 39 -12.17 7.40 -4.39
N PHE A 40 -11.98 6.16 -4.83
CA PHE A 40 -10.89 5.87 -5.75
C PHE A 40 -11.01 6.68 -7.03
N ASN A 41 -12.22 6.74 -7.61
CA ASN A 41 -12.39 7.37 -8.92
C ASN A 41 -11.96 8.83 -8.90
N THR A 42 -12.34 9.57 -7.87
CA THR A 42 -12.03 10.99 -7.78
C THR A 42 -10.78 11.30 -6.96
N GLY A 43 -10.40 10.45 -6.03
CA GLY A 43 -9.33 10.77 -5.12
C GLY A 43 -9.76 11.61 -3.94
N ASP A 44 -11.05 11.94 -3.85
CA ASP A 44 -11.56 12.76 -2.76
C ASP A 44 -11.78 11.95 -1.50
N PHE A 45 -11.61 12.60 -0.36
CA PHE A 45 -12.02 12.01 0.90
C PHE A 45 -13.54 11.94 0.94
N VAL A 46 -14.07 10.91 1.58
CA VAL A 46 -15.50 10.77 1.79
C VAL A 46 -15.76 10.58 3.28
N GLU A 47 -17.00 10.87 3.67
CA GLU A 47 -17.47 10.75 5.04
C GLU A 47 -17.81 9.29 5.35
N GLY A 48 -17.60 8.90 6.59
CA GLY A 48 -17.90 7.54 7.01
C GLY A 48 -16.99 7.11 8.13
N ASP A 49 -17.36 5.99 8.75
CA ASP A 49 -16.58 5.42 9.86
C ASP A 49 -15.36 4.73 9.27
N ALA A 50 -14.28 5.50 9.06
CA ALA A 50 -13.10 4.90 8.47
C ALA A 50 -12.50 3.82 9.36
N ALA A 51 -12.58 3.99 10.68
CA ALA A 51 -11.91 3.06 11.58
C ALA A 51 -12.48 1.65 11.48
N ASN A 52 -13.78 1.52 11.23
CA ASN A 52 -14.42 0.21 11.17
C ASN A 52 -14.79 -0.24 9.76
N TYR A 53 -14.42 0.52 8.73
CA TYR A 53 -14.73 0.12 7.36
C TYR A 53 -13.92 -1.12 6.98
N ASP A 54 -14.58 -2.07 6.34
CA ASP A 54 -13.99 -3.36 5.96
C ASP A 54 -13.89 -3.35 4.43
N GLN A 55 -12.73 -2.95 3.91
CA GLN A 55 -12.55 -2.83 2.46
C GLN A 55 -12.63 -4.18 1.78
N ARG A 56 -12.15 -5.23 2.45
CA ARG A 56 -12.20 -6.55 1.85
C ARG A 56 -13.64 -7.00 1.65
N LYS A 57 -14.50 -6.74 2.66
CA LYS A 57 -15.91 -7.08 2.54
C LYS A 57 -16.57 -6.28 1.44
N ALA A 58 -16.36 -4.96 1.44
CA ALA A 58 -16.91 -4.13 0.38
C ALA A 58 -16.48 -4.60 -1.01
N ALA A 59 -15.24 -5.08 -1.18
CA ALA A 59 -14.74 -5.45 -2.51
C ALA A 59 -15.55 -6.60 -3.13
N LYS A 60 -16.30 -7.37 -2.34
CA LYS A 60 -17.09 -8.46 -2.86
C LYS A 60 -18.60 -8.20 -2.81
N GLU A 61 -19.01 -7.02 -2.36
CA GLU A 61 -20.42 -6.64 -2.30
CA GLU A 61 -20.42 -6.64 -2.31
C GLU A 61 -20.81 -5.94 -3.60
N ALA A 62 -21.88 -6.44 -4.23
CA ALA A 62 -22.33 -5.92 -5.52
C ALA A 62 -22.48 -4.39 -5.50
N SER A 63 -23.12 -3.87 -4.48
CA SER A 63 -23.44 -2.44 -4.39
C SER A 63 -22.25 -1.58 -3.94
N GLU A 64 -21.12 -2.17 -3.57
CA GLU A 64 -20.01 -1.40 -2.99
CA GLU A 64 -20.00 -1.45 -2.96
C GLU A 64 -18.70 -1.56 -3.75
N SER A 65 -18.73 -2.18 -4.94
CA SER A 65 -17.51 -2.54 -5.66
C SER A 65 -17.84 -2.68 -7.14
N ILE A 66 -16.79 -2.79 -7.95
CA ILE A 66 -16.93 -3.05 -9.38
C ILE A 66 -16.11 -4.27 -9.78
N LYS A 67 -16.61 -4.97 -10.79
CA LYS A 67 -15.85 -6.02 -11.43
C LYS A 67 -14.85 -5.34 -12.37
N LEU A 68 -13.59 -5.70 -12.28
CA LEU A 68 -12.60 -5.15 -13.19
C LEU A 68 -12.60 -5.91 -14.50
N THR A 69 -12.37 -5.20 -15.60
CA THR A 69 -12.25 -5.90 -16.88
C THR A 69 -10.88 -6.58 -16.97
N ALA A 70 -10.73 -7.51 -17.92
CA ALA A 70 -9.48 -8.25 -18.02
C ALA A 70 -8.30 -7.31 -18.24
N GLU A 71 -8.49 -6.25 -19.02
CA GLU A 71 -7.41 -5.30 -19.30
C GLU A 71 -7.08 -4.44 -18.08
N GLN A 72 -8.11 -4.10 -17.29
CA GLN A 72 -7.92 -3.28 -16.10
C GLN A 72 -7.19 -4.04 -15.02
N ASP A 73 -7.38 -5.36 -14.94
CA ASP A 73 -7.08 -6.13 -13.73
C ASP A 73 -5.63 -6.64 -13.75
N LYS A 74 -4.72 -5.67 -13.77
CA LYS A 74 -3.29 -5.97 -13.87
C LYS A 74 -2.81 -6.81 -12.71
N ALA A 75 -3.36 -6.60 -11.51
CA ALA A 75 -2.93 -7.33 -10.32
C ALA A 75 -3.76 -8.60 -10.06
N LYS A 76 -4.73 -8.93 -10.90
CA LYS A 76 -5.51 -10.15 -10.76
C LYS A 76 -6.25 -10.18 -9.42
N ILE A 77 -6.88 -9.06 -9.06
CA ILE A 77 -7.70 -8.95 -7.83
C ILE A 77 -9.19 -9.05 -8.12
N GLN A 78 -9.57 -9.15 -9.39
CA GLN A 78 -10.93 -9.45 -9.86
C GLN A 78 -11.93 -8.32 -9.67
N ARG A 79 -11.98 -7.75 -8.48
CA ARG A 79 -12.90 -6.66 -8.17
C ARG A 79 -12.16 -5.59 -7.38
N ARG A 80 -12.72 -4.39 -7.39
CA ARG A 80 -12.20 -3.29 -6.57
C ARG A 80 -13.35 -2.60 -5.83
N ALA A 81 -13.15 -2.40 -4.52
CA ALA A 81 -14.14 -1.63 -3.76
C ALA A 81 -14.21 -0.21 -4.32
N ASN A 82 -15.41 0.41 -4.20
CA ASN A 82 -15.61 1.80 -4.59
C ASN A 82 -14.76 2.75 -3.74
N VAL A 83 -14.65 2.45 -2.45
CA VAL A 83 -14.02 3.30 -1.45
C VAL A 83 -12.92 2.49 -0.75
N GLY A 84 -11.77 3.12 -0.57
CA GLY A 84 -10.69 2.51 0.16
C GLY A 84 -10.39 3.31 1.42
N VAL A 85 -9.66 2.72 2.35
CA VAL A 85 -9.20 3.41 3.55
C VAL A 85 -7.70 3.67 3.39
N VAL A 86 -7.28 4.86 3.83
CA VAL A 86 -5.87 5.21 3.94
C VAL A 86 -5.64 5.67 5.37
N TYR A 87 -4.38 5.71 5.78
CA TYR A 87 -4.03 6.03 7.16
C TYR A 87 -3.12 7.25 7.15
N LEU A 88 -3.62 8.38 7.62
CA LEU A 88 -2.79 9.57 7.73
C LEU A 88 -1.94 9.48 8.99
N VAL A 89 -0.64 9.78 8.88
CA VAL A 89 0.23 9.87 10.03
C VAL A 89 0.29 11.33 10.47
N LYS A 90 -0.05 11.60 11.73
CA LYS A 90 -0.23 12.97 12.20
C LYS A 90 0.92 13.36 13.12
N ASP A 91 1.43 14.58 12.92
CA ASP A 91 2.41 15.21 13.81
C ASP A 91 1.74 16.50 14.27
N GLY A 92 1.05 16.43 15.40
CA GLY A 92 0.14 17.51 15.74
C GLY A 92 -1.03 17.54 14.77
N ASP A 93 -1.36 18.73 14.28
CA ASP A 93 -2.37 18.86 13.23
C ASP A 93 -1.78 18.68 11.83
N LYS A 94 -0.47 18.55 11.70
CA LYS A 94 0.17 18.34 10.41
C LYS A 94 0.11 16.88 10.02
N THR A 95 -0.05 16.64 8.73
CA THR A 95 0.05 15.30 8.15
C THR A 95 1.46 15.13 7.61
N SER A 96 2.18 14.14 8.13
CA SER A 96 3.57 13.94 7.70
C SER A 96 3.70 12.89 6.62
N LYS A 97 2.74 11.98 6.46
CA LYS A 97 2.79 11.01 5.39
C LYS A 97 1.44 10.30 5.33
N VAL A 98 1.26 9.45 4.33
CA VAL A 98 0.01 8.72 4.19
C VAL A 98 0.36 7.27 3.88
N ILE A 99 -0.32 6.36 4.54
CA ILE A 99 -0.07 4.93 4.35
C ILE A 99 -1.21 4.39 3.49
N LEU A 100 -0.83 3.72 2.39
CA LEU A 100 -1.76 3.17 1.42
C LEU A 100 -1.78 1.67 1.49
N PRO A 101 -2.95 1.03 1.65
CA PRO A 101 -3.02 -0.42 1.49
C PRO A 101 -3.09 -0.75 0.01
N VAL A 102 -2.28 -1.73 -0.42
CA VAL A 102 -2.28 -2.24 -1.78
C VAL A 102 -2.28 -3.77 -1.69
N HIS A 103 -2.73 -4.41 -2.75
CA HIS A 103 -2.70 -5.87 -2.74
C HIS A 103 -2.72 -6.36 -4.17
N GLY A 104 -2.22 -7.57 -4.36
CA GLY A 104 -2.17 -8.18 -5.68
C GLY A 104 -1.80 -9.63 -5.55
N ASN A 105 -2.04 -10.37 -6.61
CA ASN A 105 -1.82 -11.81 -6.53
C ASN A 105 -0.35 -12.11 -6.74
N GLY A 106 0.18 -13.02 -5.93
CA GLY A 106 1.48 -13.62 -6.14
C GLY A 106 1.36 -14.93 -6.88
N LEU A 107 2.33 -15.81 -6.65
CA LEU A 107 2.27 -17.13 -7.27
C LEU A 107 1.23 -18.01 -6.59
N TRP A 108 1.18 -17.99 -5.26
CA TRP A 108 0.30 -18.87 -4.53
C TRP A 108 -0.81 -18.16 -3.77
N SER A 109 -0.72 -16.85 -3.59
CA SER A 109 -1.58 -16.19 -2.63
C SER A 109 -1.83 -14.75 -3.03
N MET A 110 -2.87 -14.18 -2.44
CA MET A 110 -3.13 -12.75 -2.51
C MET A 110 -2.22 -12.07 -1.49
N MET A 111 -1.44 -11.09 -1.95
CA MET A 111 -0.44 -10.46 -1.09
C MET A 111 -0.88 -9.03 -0.79
N TYR A 112 -0.97 -8.69 0.50
CA TYR A 112 -1.43 -7.39 0.98
C TYR A 112 -0.28 -6.64 1.66
N ALA A 113 -0.10 -5.36 1.32
CA ALA A 113 1.00 -4.54 1.84
C ALA A 113 0.48 -3.15 2.20
N PHE A 114 1.19 -2.50 3.12
CA PHE A 114 1.11 -1.06 3.34
C PHE A 114 2.33 -0.38 2.74
N VAL A 115 2.12 0.75 2.07
CA VAL A 115 3.21 1.58 1.54
C VAL A 115 3.05 2.97 2.12
N ALA A 116 4.08 3.44 2.81
CA ALA A 116 4.09 4.79 3.38
C ALA A 116 4.62 5.75 2.33
N VAL A 117 3.85 6.78 2.03
CA VAL A 117 4.21 7.77 1.00
C VAL A 117 4.30 9.14 1.65
N GLU A 118 5.35 9.90 1.31
CA GLU A 118 5.50 11.26 1.81
C GLU A 118 4.46 12.21 1.17
N THR A 119 4.39 13.41 1.73
CA THR A 119 3.40 14.39 1.28
C THR A 119 3.70 14.99 -0.10
N ASP A 120 4.81 14.63 -0.76
CA ASP A 120 4.95 14.92 -2.18
C ASP A 120 4.17 13.94 -3.04
N GLY A 121 3.54 12.93 -2.44
CA GLY A 121 2.82 11.91 -3.19
C GLY A 121 3.67 11.11 -4.14
N ASN A 122 4.95 10.94 -3.84
CA ASN A 122 5.84 10.26 -4.76
C ASN A 122 6.91 9.45 -4.04
N THR A 123 7.49 9.99 -2.99
CA THR A 123 8.62 9.32 -2.33
C THR A 123 8.14 8.31 -1.29
N VAL A 124 8.69 7.10 -1.36
CA VAL A 124 8.32 6.02 -0.46
C VAL A 124 9.16 6.14 0.80
N SER A 125 8.52 6.05 1.96
CA SER A 125 9.26 6.03 3.23
C SER A 125 9.22 4.69 3.92
N GLY A 126 8.45 3.72 3.42
CA GLY A 126 8.39 2.44 4.06
C GLY A 126 7.47 1.50 3.32
N LEU A 127 7.75 0.21 3.40
CA LEU A 127 6.91 -0.82 2.83
C LEU A 127 6.90 -2.02 3.75
N THR A 128 5.70 -2.57 3.99
CA THR A 128 5.60 -3.81 4.74
C THR A 128 4.43 -4.66 4.25
N TYR A 129 4.71 -5.95 3.98
CA TYR A 129 3.64 -6.90 3.69
C TYR A 129 3.03 -7.35 5.00
N TYR A 130 1.69 -7.38 5.07
CA TYR A 130 1.05 -7.82 6.29
C TYR A 130 0.20 -9.06 6.14
N GLU A 131 -0.09 -9.50 4.91
CA GLU A 131 -0.69 -10.81 4.66
C GLU A 131 -0.12 -11.34 3.37
N GLN A 132 0.57 -12.47 3.42
CA GLN A 132 1.02 -13.11 2.20
C GLN A 132 1.22 -14.60 2.48
N GLY A 133 1.05 -15.41 1.45
CA GLY A 133 1.17 -16.86 1.58
C GLY A 133 2.02 -17.50 0.52
N GLU A 134 3.17 -16.87 0.23
CA GLU A 134 4.13 -17.45 -0.67
C GLU A 134 5.05 -18.41 0.10
N THR A 135 5.90 -19.11 -0.62
CA THR A 135 6.71 -20.15 0.03
C THR A 135 7.78 -19.52 0.92
N PRO A 136 7.89 -19.94 2.18
CA PRO A 136 8.99 -19.44 3.03
C PRO A 136 10.34 -19.70 2.37
N GLY A 137 11.18 -18.67 2.34
CA GLY A 137 12.49 -18.73 1.73
C GLY A 137 12.52 -18.36 0.26
N LEU A 138 11.37 -18.33 -0.41
CA LEU A 138 11.30 -17.95 -1.81
C LEU A 138 10.46 -16.68 -1.89
N GLY A 139 9.18 -16.77 -2.27
CA GLY A 139 8.34 -15.61 -2.34
C GLY A 139 8.06 -14.98 -1.00
N GLY A 140 8.18 -15.74 0.08
CA GLY A 140 7.96 -15.19 1.40
C GLY A 140 8.95 -14.14 1.78
N GLU A 141 10.04 -14.01 1.00
CA GLU A 141 11.05 -13.00 1.26
C GLU A 141 10.56 -11.59 0.99
N VAL A 142 9.29 -11.38 0.59
CA VAL A 142 8.75 -10.02 0.62
C VAL A 142 8.73 -9.50 2.06
N GLU A 143 8.86 -10.39 3.05
CA GLU A 143 8.90 -9.99 4.45
C GLU A 143 10.32 -9.74 4.95
N ASN A 144 11.33 -9.96 4.11
CA ASN A 144 12.70 -9.82 4.58
C ASN A 144 12.99 -8.35 4.89
N PRO A 145 13.47 -8.01 6.08
CA PRO A 145 13.71 -6.59 6.40
C PRO A 145 14.71 -5.90 5.45
N ALA A 146 15.67 -6.64 4.90
CA ALA A 146 16.62 -6.04 3.97
C ALA A 146 15.96 -5.70 2.64
N TRP A 147 15.04 -6.53 2.18
CA TRP A 147 14.34 -6.22 0.95
C TRP A 147 13.41 -5.03 1.15
N ARG A 148 12.71 -4.98 2.31
CA ARG A 148 11.85 -3.83 2.57
C ARG A 148 12.65 -2.53 2.67
N ALA A 149 13.85 -2.58 3.27
CA ALA A 149 14.69 -1.39 3.43
C ALA A 149 15.03 -0.75 2.09
N GLN A 150 15.11 -1.53 1.01
CA GLN A 150 15.46 -1.01 -0.32
C GLN A 150 14.44 -0.04 -0.86
N TRP A 151 13.18 -0.14 -0.40
CA TRP A 151 12.13 0.74 -0.90
C TRP A 151 12.27 2.18 -0.44
N VAL A 152 12.95 2.42 0.67
CA VAL A 152 12.97 3.75 1.25
C VAL A 152 13.69 4.71 0.30
N GLY A 153 13.03 5.82 -0.02
CA GLY A 153 13.57 6.81 -0.91
C GLY A 153 13.23 6.60 -2.36
N LYS A 154 12.62 5.47 -2.72
CA LYS A 154 12.26 5.25 -4.11
C LYS A 154 11.09 6.16 -4.47
N LYS A 155 10.99 6.50 -5.75
CA LYS A 155 9.94 7.35 -6.28
C LYS A 155 8.94 6.52 -7.07
N LEU A 156 7.65 6.74 -6.83
CA LEU A 156 6.59 5.97 -7.48
C LEU A 156 6.33 6.41 -8.92
N PHE A 157 6.52 7.70 -9.22
CA PHE A 157 6.21 8.29 -10.50
C PHE A 157 7.44 8.98 -11.10
N ASP A 158 7.50 9.01 -12.43
CA ASP A 158 8.53 9.77 -13.11
C ASP A 158 8.08 11.23 -13.27
N GLU A 159 8.82 12.00 -14.06
CA GLU A 159 8.51 13.42 -14.17
C GLU A 159 7.37 13.70 -15.14
N ASN A 160 6.93 12.72 -15.91
CA ASN A 160 5.63 12.78 -16.56
C ASN A 160 4.49 12.35 -15.62
N HIS A 161 4.78 12.12 -14.34
CA HIS A 161 3.77 11.70 -13.35
C HIS A 161 3.12 10.38 -13.74
N LYS A 162 3.85 9.50 -14.53
CA LYS A 162 3.29 8.18 -14.80
C LYS A 162 3.96 7.13 -13.91
N PRO A 163 3.27 6.05 -13.54
CA PRO A 163 3.89 5.06 -12.65
C PRO A 163 5.22 4.58 -13.23
N ALA A 164 6.20 4.42 -12.36
CA ALA A 164 7.58 4.18 -12.80
C ALA A 164 8.31 3.12 -11.99
N ILE A 165 7.75 2.69 -10.85
CA ILE A 165 8.37 1.67 -10.02
C ILE A 165 8.59 0.43 -10.85
N LYS A 166 9.80 -0.15 -10.75
CA LYS A 166 10.14 -1.40 -11.42
C LYS A 166 10.77 -2.35 -10.42
N ILE A 167 10.32 -3.60 -10.42
CA ILE A 167 10.94 -4.70 -9.70
C ILE A 167 11.88 -5.35 -10.69
N VAL A 168 13.18 -5.20 -10.49
CA VAL A 168 14.15 -5.52 -11.52
C VAL A 168 14.79 -6.87 -11.23
N LYS A 169 14.58 -7.83 -12.16
CA LYS A 169 15.13 -9.17 -12.05
C LYS A 169 16.65 -9.12 -12.07
N GLY A 170 17.29 -9.82 -11.13
CA GLY A 170 18.73 -9.76 -11.00
C GLY A 170 19.24 -8.63 -10.14
N GLY A 171 18.38 -7.70 -9.74
CA GLY A 171 18.80 -6.58 -8.91
C GLY A 171 18.72 -5.27 -9.68
N ALA A 172 18.35 -4.19 -8.93
CA ALA A 172 18.24 -2.85 -9.50
C ALA A 172 19.61 -2.15 -9.54
N PRO A 173 19.78 -1.20 -10.48
CA PRO A 173 20.99 -0.37 -10.50
C PRO A 173 21.18 0.43 -9.23
N GLN A 174 22.46 0.70 -8.93
CA GLN A 174 22.80 1.46 -7.74
C GLN A 174 22.19 2.85 -7.76
N GLY A 175 22.16 3.49 -8.94
CA GLY A 175 21.63 4.84 -8.94
C GLY A 175 20.12 4.97 -9.01
N SER A 176 19.38 3.87 -9.08
CA SER A 176 18.01 3.93 -9.56
C SER A 176 17.09 4.65 -8.57
N GLU A 177 16.38 5.65 -9.07
CA GLU A 177 15.29 6.23 -8.29
C GLU A 177 14.03 5.40 -8.31
N HIS A 178 13.86 4.52 -9.31
CA HIS A 178 12.60 3.80 -9.50
C HIS A 178 12.74 2.30 -9.42
N GLY A 179 13.96 1.77 -9.39
CA GLY A 179 14.18 0.33 -9.43
C GLY A 179 14.39 -0.27 -8.05
N VAL A 180 13.76 -1.41 -7.85
CA VAL A 180 13.83 -2.21 -6.63
C VAL A 180 14.27 -3.61 -7.03
N ASP A 181 15.11 -4.24 -6.19
CA ASP A 181 15.58 -5.60 -6.46
C ASP A 181 14.45 -6.61 -6.47
N GLY A 182 14.41 -7.45 -7.50
CA GLY A 182 13.52 -8.59 -7.46
C GLY A 182 14.01 -9.63 -6.45
N LEU A 183 13.15 -10.61 -6.15
CA LEU A 183 13.48 -11.67 -5.20
C LEU A 183 14.23 -12.79 -5.91
N SER A 184 15.47 -13.09 -5.47
CA SER A 184 16.26 -14.09 -6.15
C SER A 184 15.61 -15.46 -6.03
N GLY A 185 15.48 -16.12 -7.17
CA GLY A 185 14.88 -17.43 -7.26
C GLY A 185 13.37 -17.43 -7.17
N ALA A 186 12.75 -16.26 -7.04
CA ALA A 186 11.30 -16.17 -6.93
C ALA A 186 10.79 -15.05 -7.86
N THR A 187 10.97 -15.31 -9.15
CA THR A 187 10.61 -14.32 -10.17
C THR A 187 9.11 -14.14 -10.25
N LEU A 188 8.33 -15.18 -9.98
CA LEU A 188 6.88 -15.10 -10.13
C LEU A 188 6.22 -14.30 -9.00
N THR A 189 6.61 -14.50 -7.75
CA THR A 189 6.22 -13.56 -6.72
C THR A 189 6.61 -12.15 -7.10
N SER A 190 7.84 -11.97 -7.59
CA SER A 190 8.31 -10.63 -7.93
C SER A 190 7.44 -9.96 -8.98
N ASN A 191 6.99 -10.71 -9.98
CA ASN A 191 6.08 -10.18 -10.99
C ASN A 191 4.75 -9.76 -10.36
N GLY A 192 4.31 -10.49 -9.34
CA GLY A 192 3.08 -10.10 -8.63
C GLY A 192 3.24 -8.76 -7.91
N VAL A 193 4.41 -8.54 -7.29
CA VAL A 193 4.66 -7.24 -6.67
C VAL A 193 4.62 -6.15 -7.74
N GLN A 194 5.26 -6.40 -8.88
CA GLN A 194 5.23 -5.42 -9.96
C GLN A 194 3.80 -5.10 -10.36
N ASN A 195 3.01 -6.15 -10.64
CA ASN A 195 1.63 -5.96 -11.06
C ASN A 195 0.83 -5.18 -10.01
N THR A 196 1.11 -5.40 -8.73
CA THR A 196 0.41 -4.69 -7.67
C THR A 196 0.59 -3.18 -7.82
N PHE A 197 1.81 -2.73 -8.05
CA PHE A 197 2.02 -1.31 -8.22
C PHE A 197 1.53 -0.80 -9.56
N ASP A 198 1.62 -1.61 -10.61
CA ASP A 198 1.08 -1.20 -11.90
C ASP A 198 -0.40 -0.83 -11.76
N PHE A 199 -1.16 -1.64 -11.03
CA PHE A 199 -2.59 -1.35 -10.84
C PHE A 199 -2.82 -0.22 -9.84
N TRP A 200 -2.21 -0.30 -8.64
CA TRP A 200 -2.56 0.63 -7.57
C TRP A 200 -1.99 2.03 -7.73
N LEU A 201 -0.97 2.23 -8.57
CA LEU A 201 -0.55 3.58 -8.93
C LEU A 201 -1.28 4.18 -10.12
N GLY A 202 -2.06 3.39 -10.85
CA GLY A 202 -2.75 3.86 -12.03
C GLY A 202 -4.13 4.46 -11.76
N ASP A 203 -4.85 4.65 -12.86
CA ASP A 203 -6.09 5.41 -12.88
C ASP A 203 -7.23 4.75 -12.13
N MET A 204 -7.19 3.43 -11.99
CA MET A 204 -8.20 2.70 -11.25
C MET A 204 -7.79 2.45 -9.81
N GLY A 205 -6.60 2.92 -9.41
CA GLY A 205 -6.12 2.73 -8.05
C GLY A 205 -6.02 4.04 -7.30
N PHE A 206 -4.89 4.25 -6.63
CA PHE A 206 -4.61 5.47 -5.90
C PHE A 206 -4.03 6.57 -6.77
N GLY A 207 -4.00 6.40 -8.10
CA GLY A 207 -3.52 7.44 -8.97
C GLY A 207 -4.19 8.79 -8.74
N PRO A 208 -5.51 8.83 -8.81
CA PRO A 208 -6.22 10.09 -8.57
C PRO A 208 -5.94 10.68 -7.19
N PHE A 209 -5.89 9.84 -6.16
CA PHE A 209 -5.60 10.34 -4.82
C PHE A 209 -4.19 10.92 -4.74
N LEU A 210 -3.21 10.22 -5.29
CA LEU A 210 -1.84 10.69 -5.18
C LEU A 210 -1.60 11.94 -6.00
N THR A 211 -2.42 12.20 -7.02
CA THR A 211 -2.41 13.50 -7.67
C THR A 211 -2.84 14.61 -6.70
N LYS A 212 -3.89 14.36 -5.92
CA LYS A 212 -4.33 15.36 -4.96
C LYS A 212 -3.27 15.58 -3.88
N VAL A 213 -2.66 14.49 -3.39
CA VAL A 213 -1.58 14.62 -2.41
C VAL A 213 -0.45 15.46 -2.98
N ARG A 214 -0.02 15.15 -4.20
CA ARG A 214 1.05 15.92 -4.81
C ARG A 214 0.73 17.41 -4.81
N ASP A 215 -0.50 17.78 -5.14
CA ASP A 215 -0.88 19.19 -5.25
C ASP A 215 -1.16 19.85 -3.89
N GLY A 216 -0.78 19.22 -2.78
CA GLY A 216 -0.88 19.80 -1.46
C GLY A 216 -2.11 19.42 -0.66
N GLY A 217 -2.79 18.33 -1.01
CA GLY A 217 -4.09 18.01 -0.45
C GLY A 217 -4.07 17.49 0.98
N LEU A 218 -2.90 17.19 1.54
CA LEU A 218 -2.88 16.68 2.90
C LEU A 218 -2.54 17.76 3.93
N ASN A 219 -2.21 18.96 3.48
CA ASN A 219 -2.02 20.10 4.40
C ASN A 219 -2.40 21.40 3.71
#